data_2YD8
#
_entry.id   2YD8
#
_cell.length_a   78.768
_cell.length_b   78.768
_cell.length_c   71.907
_cell.angle_alpha   90.00
_cell.angle_beta   90.00
_cell.angle_gamma   120.00
#
_symmetry.space_group_name_H-M   'P 32 2 1'
#
loop_
_entity.id
_entity.type
_entity.pdbx_description
1 polymer 'RECEPTOR-TYPE TYROSINE-PROTEIN PHOSPHATASE F'
2 non-polymer 1,3,4,6-tetra-O-sulfo-beta-D-fructofuranose
3 water water
#
_entity_poly.entity_id   1
_entity_poly.type   'polypeptide(L)'
_entity_poly.pdbx_seq_one_letter_code
;ETGDSKPVFIKVPEDQTGLSGGVASFVCQATGEPKPRITWMKKGKKVSSQRFEVIEFDDGAGSVLRIQPLRVQRDEAIYE
CTATNSLGEINTSAKLSVLEEEQLPPGFPSIDMGPQLKVVEKARTATMLCAAGGNPDPEISWFKDFLPVDPATSNGRIKQ
LRSGALQIESSEESDQGKYECVATNSAGTRYSAPANLYVRVRRVAGTKHHHHHH
;
_entity_poly.pdbx_strand_id   A
#
# COMPACT_ATOMS: atom_id res chain seq x y z
N ASP A 4 13.31 -25.62 12.42
CA ASP A 4 12.12 -24.91 12.90
C ASP A 4 12.53 -23.63 13.63
N SER A 5 11.64 -22.63 13.62
CA SER A 5 11.90 -21.40 14.36
C SER A 5 10.63 -20.56 14.61
N LYS A 6 10.66 -19.79 15.70
CA LYS A 6 9.60 -18.83 16.04
C LYS A 6 9.52 -17.69 15.01
N PRO A 7 8.31 -17.14 14.80
CA PRO A 7 8.09 -16.04 13.84
C PRO A 7 8.82 -14.74 14.19
N VAL A 8 9.27 -14.00 13.17
CA VAL A 8 9.93 -12.69 13.34
C VAL A 8 9.44 -11.70 12.26
N PHE A 9 9.05 -10.48 12.66
CA PHE A 9 8.54 -9.47 11.72
C PHE A 9 9.60 -8.96 10.74
N ILE A 10 9.25 -8.80 9.47
CA ILE A 10 10.12 -8.10 8.51
C ILE A 10 9.45 -6.85 7.90
N LYS A 11 8.14 -6.68 8.14
CA LYS A 11 7.42 -5.42 7.86
C LYS A 11 6.34 -5.16 8.92
N VAL A 12 6.31 -3.94 9.47
CA VAL A 12 5.29 -3.55 10.48
C VAL A 12 4.54 -2.26 10.12
N PRO A 13 3.24 -2.19 10.44
CA PRO A 13 2.41 -1.00 10.13
C PRO A 13 2.70 0.23 11.04
N GLU A 14 2.72 1.42 10.45
CA GLU A 14 3.00 2.66 11.21
C GLU A 14 1.75 3.53 11.38
N ASP A 15 1.76 4.42 12.37
CA ASP A 15 0.65 5.36 12.60
C ASP A 15 0.39 6.17 11.30
N GLN A 16 -0.89 6.46 10.99
CA GLN A 16 -1.28 7.10 9.71
C GLN A 16 -2.41 8.16 9.86
N THR A 17 -2.28 9.30 9.17
CA THR A 17 -3.31 10.35 9.09
C THR A 17 -3.83 10.53 7.63
N GLY A 18 -5.12 10.28 7.42
CA GLY A 18 -5.75 10.35 6.10
C GLY A 18 -6.88 11.39 5.94
N LEU A 19 -7.51 11.42 4.77
CA LEU A 19 -8.52 12.43 4.40
C LEU A 19 -9.91 11.83 4.10
N SER A 20 -10.97 12.47 4.56
CA SER A 20 -12.31 11.88 4.39
C SER A 20 -12.69 11.74 2.89
N GLY A 21 -13.27 10.58 2.55
CA GLY A 21 -13.60 10.25 1.16
C GLY A 21 -12.46 9.54 0.43
N GLY A 22 -11.29 9.43 1.08
CA GLY A 22 -10.08 8.85 0.48
C GLY A 22 -9.80 7.37 0.80
N VAL A 23 -8.53 6.95 0.75
CA VAL A 23 -8.08 5.56 1.05
C VAL A 23 -6.95 5.50 2.15
N ALA A 24 -6.94 4.44 2.96
CA ALA A 24 -5.78 4.05 3.80
C ALA A 24 -5.49 2.53 3.75
N SER A 25 -4.20 2.13 3.64
CA SER A 25 -3.78 0.72 3.64
C SER A 25 -2.72 0.41 4.75
N PHE A 26 -2.86 -0.71 5.45
CA PHE A 26 -1.84 -1.18 6.43
C PHE A 26 -1.18 -2.49 5.96
N VAL A 27 0.16 -2.60 6.08
CA VAL A 27 0.89 -3.78 5.58
C VAL A 27 1.71 -4.50 6.69
N CYS A 28 1.65 -5.84 6.74
CA CYS A 28 2.32 -6.64 7.80
C CYS A 28 2.89 -7.96 7.23
N GLN A 29 4.10 -8.35 7.62
CA GLN A 29 4.75 -9.57 7.08
C GLN A 29 5.82 -10.16 8.02
N ALA A 30 5.91 -11.49 8.04
CA ALA A 30 6.82 -12.21 8.95
C ALA A 30 7.43 -13.48 8.36
N THR A 31 8.59 -13.90 8.88
CA THR A 31 9.21 -15.17 8.50
C THR A 31 9.13 -16.21 9.63
N GLY A 32 9.39 -17.47 9.30
CA GLY A 32 9.39 -18.55 10.27
C GLY A 32 9.27 -19.94 9.64
N GLU A 33 9.49 -20.99 10.42
CA GLU A 33 9.35 -22.36 9.91
C GLU A 33 8.72 -23.28 10.94
N PRO A 34 7.50 -23.75 10.66
CA PRO A 34 6.77 -23.51 9.40
C PRO A 34 6.30 -22.07 9.22
N LYS A 35 5.81 -21.74 8.03
CA LYS A 35 5.37 -20.38 7.73
C LYS A 35 4.19 -19.97 8.60
N PRO A 36 4.31 -18.82 9.29
CA PRO A 36 3.24 -18.32 10.18
C PRO A 36 2.02 -17.80 9.39
N ARG A 37 0.96 -17.43 10.10
CA ARG A 37 -0.28 -16.97 9.49
C ARG A 37 -0.71 -15.61 10.07
N ILE A 38 -1.01 -14.63 9.21
CA ILE A 38 -1.38 -13.25 9.66
C ILE A 38 -2.91 -13.05 9.86
N THR A 39 -3.30 -12.43 10.98
CA THR A 39 -4.71 -12.10 11.28
C THR A 39 -4.87 -10.65 11.78
N TRP A 40 -5.92 -9.95 11.33
CA TRP A 40 -6.18 -8.55 11.71
C TRP A 40 -7.32 -8.39 12.73
N MET A 41 -7.18 -7.41 13.64
CA MET A 41 -8.21 -7.07 14.64
C MET A 41 -8.50 -5.55 14.72
N LYS A 42 -9.75 -5.18 15.02
CA LYS A 42 -10.18 -3.80 15.21
C LYS A 42 -10.79 -3.64 16.63
N LYS A 43 -10.23 -2.77 17.46
CA LYS A 43 -10.71 -2.64 18.84
C LYS A 43 -10.77 -3.99 19.58
N GLY A 44 -9.77 -4.83 19.36
CA GLY A 44 -9.70 -6.11 20.07
C GLY A 44 -10.67 -7.20 19.60
N LYS A 45 -11.14 -7.11 18.36
CA LYS A 45 -11.99 -8.15 17.79
C LYS A 45 -11.66 -8.46 16.31
N LYS A 46 -11.65 -9.74 15.97
CA LYS A 46 -11.28 -10.17 14.62
C LYS A 46 -12.15 -9.55 13.51
N VAL A 47 -11.49 -9.13 12.43
CA VAL A 47 -12.13 -8.49 11.28
C VAL A 47 -12.75 -9.54 10.34
N SER A 48 -13.97 -9.29 9.86
CA SER A 48 -14.63 -10.20 8.90
C SER A 48 -14.25 -9.94 7.44
N SER A 49 -13.82 -10.99 6.74
CA SER A 49 -13.42 -10.92 5.34
C SER A 49 -14.59 -10.82 4.33
N GLN A 50 -15.82 -10.99 4.82
CA GLN A 50 -17.01 -10.75 4.01
C GLN A 50 -17.52 -9.30 4.19
N ARG A 51 -16.79 -8.52 4.99
CA ARG A 51 -17.12 -7.11 5.24
C ARG A 51 -15.99 -6.11 4.90
N PHE A 52 -14.74 -6.45 5.22
CA PHE A 52 -13.57 -5.64 4.86
C PHE A 52 -12.83 -6.23 3.65
N GLU A 53 -12.08 -5.40 2.93
CA GLU A 53 -11.16 -5.89 1.88
C GLU A 53 -9.78 -6.33 2.48
N VAL A 54 -9.51 -7.63 2.48
CA VAL A 54 -8.25 -8.20 2.98
C VAL A 54 -7.55 -9.01 1.86
N ILE A 55 -6.29 -8.68 1.56
CA ILE A 55 -5.56 -9.31 0.44
C ILE A 55 -4.22 -9.97 0.85
N GLU A 56 -4.10 -11.28 0.63
CA GLU A 56 -2.90 -12.03 1.06
C GLU A 56 -1.76 -12.11 0.01
N PHE A 57 -0.53 -12.31 0.49
CA PHE A 57 0.62 -12.61 -0.38
C PHE A 57 1.69 -13.46 0.36
N ASP A 58 2.76 -13.85 -0.34
CA ASP A 58 3.79 -14.72 0.23
C ASP A 58 3.19 -15.96 0.93
N ASP A 59 2.27 -16.64 0.25
CA ASP A 59 1.67 -17.86 0.77
C ASP A 59 0.96 -17.72 2.13
N GLY A 60 0.46 -16.52 2.40
CA GLY A 60 -0.25 -16.28 3.65
C GLY A 60 0.59 -15.64 4.74
N ALA A 61 1.88 -15.47 4.49
CA ALA A 61 2.80 -14.89 5.48
C ALA A 61 2.87 -13.35 5.41
N GLY A 62 2.22 -12.76 4.41
CA GLY A 62 2.02 -11.32 4.34
C GLY A 62 0.57 -10.98 4.06
N SER A 63 0.11 -9.79 4.48
CA SER A 63 -1.29 -9.38 4.30
C SER A 63 -1.47 -7.84 4.23
N VAL A 64 -2.52 -7.41 3.53
CA VAL A 64 -2.89 -5.99 3.44
C VAL A 64 -4.35 -5.77 3.89
N LEU A 65 -4.58 -4.82 4.80
CA LEU A 65 -5.93 -4.33 5.14
C LEU A 65 -6.18 -2.96 4.48
N ARG A 66 -7.16 -2.87 3.56
CA ARG A 66 -7.53 -1.63 2.85
C ARG A 66 -8.89 -1.08 3.29
N ILE A 67 -8.96 0.22 3.57
CA ILE A 67 -10.20 0.91 4.00
C ILE A 67 -10.60 2.06 3.05
N GLN A 68 -11.82 1.99 2.47
CA GLN A 68 -12.31 2.96 1.45
C GLN A 68 -13.86 2.92 1.31
N PRO A 69 -14.54 4.09 1.20
CA PRO A 69 -14.12 5.48 1.40
C PRO A 69 -13.94 5.77 2.90
N LEU A 70 -12.94 6.57 3.28
CA LEU A 70 -12.75 6.90 4.72
C LEU A 70 -13.89 7.75 5.32
N ARG A 71 -14.35 7.38 6.51
CA ARG A 71 -15.42 8.11 7.22
C ARG A 71 -15.01 8.35 8.70
N VAL A 72 -15.09 9.60 9.17
CA VAL A 72 -14.49 9.94 10.48
C VAL A 72 -14.99 9.11 11.69
N GLN A 73 -16.30 9.05 11.87
CA GLN A 73 -16.86 8.38 13.05
C GLN A 73 -16.53 6.87 13.11
N ARG A 74 -16.78 6.17 12.01
CA ARG A 74 -16.59 4.71 11.93
C ARG A 74 -15.12 4.23 11.98
N ASP A 75 -14.21 4.92 11.29
CA ASP A 75 -12.89 4.35 10.96
C ASP A 75 -11.71 4.78 11.88
N GLU A 76 -11.85 5.89 12.60
CA GLU A 76 -10.82 6.36 13.52
C GLU A 76 -10.71 5.41 14.75
N ALA A 77 -9.58 4.71 14.89
CA ALA A 77 -9.47 3.61 15.88
C ALA A 77 -8.07 2.97 15.92
N ILE A 78 -7.87 2.03 16.86
CA ILE A 78 -6.61 1.27 16.98
C ILE A 78 -6.71 -0.12 16.31
N TYR A 79 -5.79 -0.41 15.37
CA TYR A 79 -5.78 -1.68 14.58
C TYR A 79 -4.57 -2.60 14.98
N GLU A 80 -4.78 -3.91 15.08
CA GLU A 80 -3.76 -4.86 15.60
C GLU A 80 -3.43 -6.02 14.63
N CYS A 81 -2.13 -6.25 14.36
CA CYS A 81 -1.67 -7.38 13.52
C CYS A 81 -1.06 -8.49 14.38
N THR A 82 -1.38 -9.76 14.09
CA THR A 82 -0.87 -10.90 14.84
C THR A 82 -0.42 -12.08 13.95
N ALA A 83 0.72 -12.70 14.30
CA ALA A 83 1.31 -13.80 13.52
C ALA A 83 1.60 -15.05 14.37
N THR A 84 1.10 -16.20 13.92
CA THR A 84 1.17 -17.45 14.70
C THR A 84 1.70 -18.67 13.92
N ASN A 85 2.60 -19.44 14.53
CA ASN A 85 2.83 -20.83 14.09
C ASN A 85 2.87 -21.81 15.26
N SER A 86 3.17 -23.08 15.01
CA SER A 86 3.15 -24.08 16.08
C SER A 86 4.18 -23.85 17.21
N LEU A 87 5.08 -22.89 17.03
CA LEU A 87 6.10 -22.60 18.05
C LEU A 87 5.91 -21.31 18.88
N GLY A 88 5.09 -20.37 18.42
CA GLY A 88 4.88 -19.11 19.15
C GLY A 88 3.96 -18.09 18.47
N GLU A 89 3.66 -17.00 19.17
CA GLU A 89 2.82 -15.87 18.68
C GLU A 89 3.47 -14.51 19.02
N ILE A 90 3.43 -13.57 18.07
CA ILE A 90 3.89 -12.18 18.27
C ILE A 90 2.85 -11.17 17.72
N ASN A 91 2.83 -9.93 18.23
CA ASN A 91 1.89 -8.87 17.76
C ASN A 91 2.42 -7.44 17.83
N THR A 92 1.72 -6.51 17.15
CA THR A 92 2.11 -5.07 17.05
C THR A 92 0.91 -4.23 16.51
N SER A 93 0.71 -3.01 17.05
CA SER A 93 -0.45 -2.15 16.75
C SER A 93 -0.15 -0.74 16.16
N ALA A 94 -1.19 -0.09 15.60
CA ALA A 94 -1.05 1.26 15.04
C ALA A 94 -2.38 2.05 15.02
N LYS A 95 -2.29 3.38 15.13
CA LYS A 95 -3.49 4.26 15.18
C LYS A 95 -3.83 4.99 13.87
N LEU A 96 -5.09 4.94 13.44
CA LEU A 96 -5.56 5.72 12.28
C LEU A 96 -6.32 7.00 12.67
N SER A 97 -5.91 8.16 12.13
CA SER A 97 -6.65 9.42 12.29
C SER A 97 -7.24 9.91 10.94
N VAL A 98 -8.41 10.56 10.95
CA VAL A 98 -9.09 11.03 9.71
C VAL A 98 -9.48 12.52 9.80
N LEU A 99 -9.02 13.34 8.86
CA LEU A 99 -9.32 14.79 8.87
C LEU A 99 -10.41 15.22 7.86
N GLU A 100 -11.17 16.27 8.20
CA GLU A 100 -12.11 16.92 7.28
C GLU A 100 -11.33 17.93 6.41
N GLU A 101 -11.94 18.35 5.30
CA GLU A 101 -11.28 19.26 4.35
C GLU A 101 -10.79 20.59 4.97
N GLU A 102 -11.61 21.19 5.83
CA GLU A 102 -11.23 22.47 6.42
C GLU A 102 -10.20 22.36 7.57
N GLN A 103 -9.81 21.15 7.92
CA GLN A 103 -8.78 20.95 8.94
C GLN A 103 -7.36 20.80 8.37
N LEU A 104 -7.24 20.74 7.04
CA LEU A 104 -5.95 20.52 6.40
C LEU A 104 -4.99 21.69 6.60
N PRO A 105 -3.76 21.41 7.10
CA PRO A 105 -2.66 22.37 7.19
C PRO A 105 -2.02 22.64 5.82
N PRO A 106 -1.47 23.85 5.63
CA PRO A 106 -0.94 24.36 4.35
C PRO A 106 0.07 23.45 3.64
N GLY A 107 0.87 22.70 4.39
CA GLY A 107 1.87 21.83 3.80
C GLY A 107 1.45 20.39 3.49
N PHE A 108 0.20 20.02 3.82
CA PHE A 108 -0.35 18.70 3.46
C PHE A 108 -0.08 18.37 1.97
N PRO A 109 0.31 17.11 1.67
CA PRO A 109 0.73 16.69 0.31
C PRO A 109 -0.33 16.89 -0.80
N SER A 110 0.13 17.22 -2.01
CA SER A 110 -0.74 17.29 -3.19
C SER A 110 -0.19 16.54 -4.42
N ILE A 111 -1.10 16.12 -5.31
CA ILE A 111 -0.69 15.53 -6.58
C ILE A 111 -0.63 16.63 -7.64
N ASP A 112 0.57 16.94 -8.13
CA ASP A 112 0.77 18.03 -9.10
C ASP A 112 0.58 17.53 -10.55
N MET A 113 0.95 16.28 -10.80
CA MET A 113 0.73 15.62 -12.09
C MET A 113 0.67 14.10 -11.84
N GLY A 114 -0.43 13.46 -12.23
CA GLY A 114 -0.65 12.04 -11.97
C GLY A 114 -0.51 11.10 -13.15
N PRO A 115 -0.55 9.77 -12.92
CA PRO A 115 -0.41 8.76 -14.00
C PRO A 115 -1.64 8.66 -14.92
N GLN A 116 -1.43 8.31 -16.20
CA GLN A 116 -2.51 8.21 -17.22
C GLN A 116 -2.61 6.83 -17.89
N LEU A 117 -3.79 6.53 -18.44
CA LEU A 117 -4.04 5.31 -19.22
C LEU A 117 -2.96 5.05 -20.26
N LYS A 118 -2.54 3.79 -20.40
CA LYS A 118 -1.45 3.42 -21.34
C LYS A 118 -1.63 2.04 -22.00
N VAL A 119 -1.50 2.00 -23.33
CA VAL A 119 -1.55 0.75 -24.10
C VAL A 119 -0.17 0.47 -24.73
N VAL A 120 0.44 -0.66 -24.37
CA VAL A 120 1.81 -0.91 -24.78
C VAL A 120 1.96 -2.21 -25.56
N GLU A 121 2.88 -2.21 -26.52
CA GLU A 121 3.19 -3.41 -27.30
C GLU A 121 4.17 -4.31 -26.54
N LYS A 122 3.96 -5.62 -26.61
CA LYS A 122 4.79 -6.58 -25.87
C LYS A 122 6.29 -6.42 -26.15
N ALA A 123 7.08 -6.41 -25.08
CA ALA A 123 8.55 -6.33 -25.17
C ALA A 123 9.14 -4.91 -25.23
N ARG A 124 8.30 -3.89 -25.28
CA ARG A 124 8.74 -2.50 -25.17
C ARG A 124 8.64 -2.00 -23.72
N THR A 125 9.16 -0.80 -23.47
CA THR A 125 9.19 -0.20 -22.13
C THR A 125 7.98 0.71 -21.87
N ALA A 126 7.41 0.63 -20.68
CA ALA A 126 6.31 1.52 -20.27
C ALA A 126 6.71 2.36 -19.04
N THR A 127 6.29 3.62 -19.01
CA THR A 127 6.60 4.51 -17.89
C THR A 127 5.33 5.14 -17.30
N MET A 128 5.18 5.08 -15.97
CA MET A 128 4.05 5.73 -15.29
C MET A 128 4.55 6.90 -14.43
N LEU A 129 4.06 8.11 -14.72
CA LEU A 129 4.58 9.32 -14.07
C LEU A 129 3.79 9.73 -12.82
N CYS A 130 4.48 10.39 -11.89
CA CYS A 130 3.86 10.97 -10.68
C CYS A 130 4.74 12.09 -10.10
N ALA A 131 4.21 13.31 -10.04
CA ALA A 131 4.93 14.43 -9.42
C ALA A 131 4.09 15.11 -8.35
N ALA A 132 4.63 15.20 -7.14
CA ALA A 132 3.89 15.70 -5.98
C ALA A 132 4.56 16.92 -5.32
N GLY A 133 3.80 17.63 -4.48
CA GLY A 133 4.34 18.76 -3.72
C GLY A 133 3.87 18.82 -2.27
N GLY A 134 4.38 19.80 -1.52
CA GLY A 134 4.03 19.97 -0.11
C GLY A 134 5.19 20.50 0.73
N ASN A 135 4.98 20.62 2.04
CA ASN A 135 6.06 21.03 2.96
C ASN A 135 6.03 20.33 4.33
N PRO A 136 7.03 19.49 4.61
CA PRO A 136 8.18 19.19 3.73
C PRO A 136 7.86 18.35 2.48
N ASP A 137 8.87 18.20 1.62
CA ASP A 137 8.77 17.37 0.41
C ASP A 137 8.38 15.93 0.74
N PRO A 138 7.34 15.40 0.06
CA PRO A 138 6.86 14.05 0.36
C PRO A 138 7.68 12.92 -0.27
N GLU A 139 7.64 11.74 0.33
CA GLU A 139 8.16 10.52 -0.29
C GLU A 139 7.04 9.78 -1.06
N ILE A 140 7.42 9.13 -2.16
CA ILE A 140 6.50 8.40 -3.06
C ILE A 140 6.56 6.85 -2.94
N SER A 141 5.41 6.18 -2.97
CA SER A 141 5.36 4.71 -3.18
C SER A 141 4.20 4.31 -4.13
N TRP A 142 4.17 3.06 -4.62
CA TRP A 142 3.17 2.58 -5.60
C TRP A 142 2.42 1.28 -5.17
N PHE A 143 1.13 1.18 -5.53
CA PHE A 143 0.32 -0.04 -5.36
C PHE A 143 -0.28 -0.52 -6.72
N LYS A 144 -0.30 -1.84 -6.94
CA LYS A 144 -0.88 -2.45 -8.15
C LYS A 144 -1.91 -3.53 -7.78
N ASP A 145 -3.14 -3.39 -8.29
CA ASP A 145 -4.25 -4.23 -7.85
C ASP A 145 -4.31 -4.41 -6.30
N PHE A 146 -4.14 -3.32 -5.55
CA PHE A 146 -4.28 -3.27 -4.06
C PHE A 146 -3.06 -3.80 -3.26
N LEU A 147 -2.01 -4.26 -3.95
CA LEU A 147 -0.78 -4.77 -3.32
C LEU A 147 0.48 -3.88 -3.54
N PRO A 148 1.39 -3.83 -2.56
CA PRO A 148 2.59 -2.97 -2.73
C PRO A 148 3.56 -3.48 -3.82
N VAL A 149 4.14 -2.56 -4.60
CA VAL A 149 5.13 -2.94 -5.63
C VAL A 149 6.52 -2.85 -5.00
N ASP A 150 7.30 -3.93 -5.08
CA ASP A 150 8.66 -3.95 -4.51
C ASP A 150 9.72 -4.25 -5.58
N PRO A 151 10.34 -3.20 -6.13
CA PRO A 151 11.27 -3.30 -7.26
C PRO A 151 12.49 -4.17 -6.96
N ALA A 152 12.90 -4.23 -5.70
CA ALA A 152 14.10 -4.96 -5.30
C ALA A 152 14.04 -6.45 -5.62
N THR A 153 12.93 -6.90 -6.19
CA THR A 153 12.74 -8.32 -6.46
C THR A 153 12.49 -8.61 -7.94
N SER A 154 12.77 -7.63 -8.80
CA SER A 154 12.50 -7.78 -10.23
C SER A 154 13.77 -8.10 -11.01
N ASN A 155 14.89 -8.18 -10.30
CA ASN A 155 16.18 -8.50 -10.91
C ASN A 155 16.58 -7.55 -12.04
N GLY A 156 16.26 -6.26 -11.88
CA GLY A 156 16.67 -5.25 -12.85
C GLY A 156 15.54 -4.77 -13.76
N ARG A 157 14.50 -5.56 -13.91
CA ARG A 157 13.36 -5.18 -14.76
C ARG A 157 12.68 -3.88 -14.30
N ILE A 158 12.28 -3.84 -13.04
CA ILE A 158 11.43 -2.76 -12.53
C ILE A 158 12.16 -1.83 -11.55
N LYS A 159 12.05 -0.52 -11.77
CA LYS A 159 12.73 0.48 -10.93
C LYS A 159 11.95 1.78 -10.69
N GLN A 160 12.11 2.37 -9.51
CA GLN A 160 11.54 3.70 -9.19
C GLN A 160 12.63 4.79 -9.34
N LEU A 161 12.34 5.81 -10.14
CA LEU A 161 13.31 6.90 -10.38
C LEU A 161 13.22 8.01 -9.31
N ARG A 162 14.28 8.79 -9.15
CA ARG A 162 14.30 9.84 -8.13
C ARG A 162 13.18 10.87 -8.33
N SER A 163 12.65 10.96 -9.55
CA SER A 163 11.54 11.88 -9.83
C SER A 163 10.19 11.36 -9.31
N GLY A 164 10.11 10.07 -8.99
CA GLY A 164 8.86 9.46 -8.55
C GLY A 164 8.23 8.48 -9.55
N ALA A 165 8.70 8.50 -10.79
CA ALA A 165 8.15 7.66 -11.86
C ALA A 165 8.52 6.17 -11.73
N LEU A 166 7.62 5.30 -12.20
CA LEU A 166 7.87 3.85 -12.23
C LEU A 166 8.15 3.35 -13.65
N GLN A 167 9.33 2.76 -13.86
CA GLN A 167 9.78 2.32 -15.19
C GLN A 167 9.82 0.78 -15.35
N ILE A 168 9.12 0.25 -16.37
CA ILE A 168 8.99 -1.21 -16.54
C ILE A 168 9.50 -1.70 -17.91
N GLU A 169 10.62 -2.43 -17.90
CA GLU A 169 11.25 -2.93 -19.14
C GLU A 169 10.74 -4.31 -19.62
N SER A 170 10.82 -4.54 -20.93
CA SER A 170 10.44 -5.82 -21.52
C SER A 170 9.07 -6.27 -21.05
N SER A 171 8.05 -5.47 -21.37
CA SER A 171 6.70 -5.70 -20.85
C SER A 171 6.13 -7.08 -21.17
N GLU A 172 5.47 -7.69 -20.19
CA GLU A 172 4.83 -9.00 -20.37
C GLU A 172 3.39 -9.03 -19.83
N GLU A 173 2.71 -10.15 -20.05
CA GLU A 173 1.28 -10.25 -19.72
C GLU A 173 0.95 -9.96 -18.25
N SER A 174 1.81 -10.41 -17.32
CA SER A 174 1.56 -10.22 -15.89
C SER A 174 1.63 -8.76 -15.42
N ASP A 175 2.28 -7.91 -16.21
CA ASP A 175 2.37 -6.47 -15.89
C ASP A 175 1.04 -5.69 -16.01
N GLN A 176 0.04 -6.30 -16.67
CA GLN A 176 -1.30 -5.69 -16.83
C GLN A 176 -2.06 -5.47 -15.51
N GLY A 177 -2.61 -4.27 -15.30
CA GLY A 177 -3.47 -4.01 -14.14
C GLY A 177 -3.69 -2.55 -13.75
N LYS A 178 -4.20 -2.33 -12.54
CA LYS A 178 -4.57 -0.98 -12.06
C LYS A 178 -3.56 -0.38 -11.04
N TYR A 179 -2.95 0.76 -11.40
CA TYR A 179 -1.85 1.37 -10.63
C TYR A 179 -2.23 2.69 -9.93
N GLU A 180 -1.84 2.84 -8.65
CA GLU A 180 -2.07 4.04 -7.84
C GLU A 180 -0.75 4.61 -7.23
N CYS A 181 -0.53 5.92 -7.35
CA CYS A 181 0.61 6.59 -6.71
C CYS A 181 0.23 7.18 -5.33
N VAL A 182 1.16 7.11 -4.35
CA VAL A 182 0.87 7.52 -2.96
C VAL A 182 1.94 8.46 -2.37
N ALA A 183 1.54 9.63 -1.89
CA ALA A 183 2.48 10.63 -1.34
C ALA A 183 2.31 10.89 0.18
N THR A 184 3.41 10.82 0.94
CA THR A 184 3.39 10.91 2.42
C THR A 184 4.43 11.87 3.03
N ASN A 185 4.00 12.72 3.98
CA ASN A 185 4.94 13.51 4.81
C ASN A 185 4.49 13.65 6.28
N SER A 186 5.16 14.48 7.08
CA SER A 186 4.83 14.58 8.51
C SER A 186 3.40 15.07 8.82
N ALA A 187 2.70 15.59 7.83
CA ALA A 187 1.32 16.04 8.03
C ALA A 187 0.25 15.00 7.66
N GLY A 188 0.57 14.05 6.77
CA GLY A 188 -0.42 13.09 6.32
C GLY A 188 -0.14 12.39 4.99
N THR A 189 -1.17 11.71 4.46
CA THR A 189 -1.09 10.86 3.24
C THR A 189 -2.18 11.19 2.19
N ARG A 190 -1.82 11.22 0.90
CA ARG A 190 -2.83 11.41 -0.19
C ARG A 190 -2.64 10.47 -1.42
N TYR A 191 -3.73 9.85 -1.90
CA TYR A 191 -3.70 8.96 -3.08
C TYR A 191 -4.05 9.65 -4.44
N SER A 192 -3.40 9.23 -5.54
CA SER A 192 -3.84 9.68 -6.89
C SER A 192 -5.03 8.85 -7.38
N ALA A 193 -5.71 9.32 -8.44
CA ALA A 193 -6.70 8.47 -9.10
C ALA A 193 -6.00 7.29 -9.78
N PRO A 194 -6.67 6.12 -9.87
CA PRO A 194 -6.04 4.96 -10.53
C PRO A 194 -5.95 5.08 -12.05
N ALA A 195 -5.02 4.36 -12.65
CA ALA A 195 -4.80 4.36 -14.11
C ALA A 195 -4.41 2.98 -14.61
N ASN A 196 -5.02 2.51 -15.71
CA ASN A 196 -4.81 1.14 -16.19
C ASN A 196 -3.67 0.99 -17.23
N LEU A 197 -2.91 -0.11 -17.13
CA LEU A 197 -1.94 -0.51 -18.17
C LEU A 197 -2.41 -1.79 -18.90
N TYR A 198 -2.50 -1.73 -20.25
CA TYR A 198 -2.88 -2.89 -21.07
C TYR A 198 -1.73 -3.37 -21.99
N VAL A 199 -1.61 -4.68 -22.20
CA VAL A 199 -0.56 -5.25 -23.07
C VAL A 199 -1.13 -5.90 -24.37
N ARG A 200 -0.72 -5.38 -25.52
CA ARG A 200 -1.37 -5.71 -26.82
C ARG A 200 -0.51 -6.43 -27.84
N VAL A 201 -1.16 -6.81 -28.95
CA VAL A 201 -0.52 -7.50 -30.07
C VAL A 201 -0.14 -8.94 -29.73
#